data_3CRV
#
_entry.id   3CRV
#
_cell.length_a   53.542
_cell.length_b   70.222
_cell.length_c   144.293
_cell.angle_alpha   90.00
_cell.angle_beta   90.00
_cell.angle_gamma   90.00
#
_symmetry.space_group_name_H-M   'P 21 21 21'
#
loop_
_entity.id
_entity.type
_entity.pdbx_description
1 polymer 'XPD/Rad3 related DNA helicase'
2 non-polymer 'CITRATE ANION'
3 non-polymer 'IRON/SULFUR CLUSTER'
4 non-polymer 'ISOPROPYL ALCOHOL'
5 non-polymer GLYCEROL
6 water water
#
_entity_poly.entity_id   1
_entity_poly.type   'polypeptide(L)'
_entity_poly.pdbx_seq_one_letter_code
;MVKLRDWQEKLKDKVIEGLRNNFLVALNAPTGSGKTLFSLLVSLEVKPKVLFVVRTHNEFYPIYRDLTKIREKRNITFSF
LVGKPSSCLYAEKGAESEDIPCKYCELKGSIVEVKTDDSPLSLVKKLKKDGLQDKFCPYYSLLNSLYKADVIALTYPYFF
IDRYREFIDIDLREYMIVIDEAHNLDKVNELEERSLSEITIQMAIKQSKSEESRRILSKLLNQLREVVLPDEKYIKVENV
PKLSKEELEILADDYEDIRKDSLKQGKVNKIHIGSILRFFSLLSIGSFIPFSYSKRLVIKNPEISYYLNLLNDNELSIIL
MSGTLPPREYMEKVWGIKRNMLYLDVEREIQKRVSGSYECYIGVDVTSKYDMRSDNMWKRYADYLLKIYFQAKANVLVVF
PSYEIMDRVMSRISLPKYVESEDSSVEDLYSAISANNKVLIGSVGKGKLAEGIELRNNDRSLISDVVIVGIPYPPPDDYL
KILAQRVSLKMNRENEEFLFKIPALVTIKQAIGRAIRDVNDKCNVWLLDKRFESLYWKKNLKCLNANKMKL
;
_entity_poly.pdbx_strand_id   A
#
loop_
_chem_comp.id
_chem_comp.type
_chem_comp.name
_chem_comp.formula
FLC non-polymer 'CITRATE ANION' 'C6 H5 O7 -3'
GOL non-polymer GLYCEROL 'C3 H8 O3'
IPA non-polymer 'ISOPROPYL ALCOHOL' 'C3 H8 O'
SF4 non-polymer 'IRON/SULFUR CLUSTER' 'Fe4 S4'
#
# COMPACT_ATOMS: atom_id res chain seq x y z
N MET A 1 -20.24 -22.74 -6.20
CA MET A 1 -19.08 -23.64 -5.92
C MET A 1 -18.78 -24.53 -7.13
N VAL A 2 -17.50 -24.63 -7.48
CA VAL A 2 -17.08 -25.45 -8.60
C VAL A 2 -15.69 -26.03 -8.34
N LYS A 3 -15.66 -27.17 -7.67
CA LYS A 3 -14.40 -27.83 -7.34
C LYS A 3 -13.48 -26.93 -6.53
N LEU A 4 -13.56 -27.07 -5.22
CA LEU A 4 -12.75 -26.26 -4.32
C LEU A 4 -11.43 -26.93 -3.99
N ARG A 5 -10.42 -26.12 -3.71
CA ARG A 5 -9.11 -26.62 -3.34
C ARG A 5 -9.33 -27.28 -1.98
N ASP A 6 -8.43 -28.18 -1.57
CA ASP A 6 -8.60 -28.84 -0.28
C ASP A 6 -8.85 -27.90 0.90
N TRP A 7 -8.04 -26.84 1.03
CA TRP A 7 -8.23 -25.93 2.16
C TRP A 7 -9.57 -25.20 2.12
N GLN A 8 -10.00 -24.83 0.92
CA GLN A 8 -11.27 -24.12 0.78
C GLN A 8 -12.42 -25.00 1.26
N GLU A 9 -12.39 -26.27 0.89
CA GLU A 9 -13.43 -27.21 1.29
C GLU A 9 -13.46 -27.42 2.81
N LYS A 10 -12.29 -27.41 3.44
CA LYS A 10 -12.20 -27.63 4.88
C LYS A 10 -12.54 -26.45 5.80
N LEU A 11 -12.52 -25.23 5.26
CA LEU A 11 -12.78 -24.05 6.08
C LEU A 11 -14.08 -23.31 5.79
N LYS A 12 -14.67 -23.57 4.62
CA LYS A 12 -15.91 -22.91 4.22
C LYS A 12 -16.97 -22.82 5.32
N ASP A 13 -17.43 -23.96 5.82
CA ASP A 13 -18.46 -23.97 6.86
C ASP A 13 -18.02 -23.26 8.13
N LYS A 14 -16.78 -23.52 8.54
CA LYS A 14 -16.20 -22.92 9.74
C LYS A 14 -16.25 -21.38 9.66
N VAL A 15 -15.92 -20.85 8.50
CA VAL A 15 -15.91 -19.41 8.31
C VAL A 15 -17.32 -18.84 8.23
N ILE A 16 -18.19 -19.49 7.46
CA ILE A 16 -19.57 -19.04 7.31
C ILE A 16 -20.25 -18.97 8.67
N GLU A 17 -20.12 -20.04 9.44
CA GLU A 17 -20.73 -20.11 10.77
C GLU A 17 -20.11 -19.04 11.65
N GLY A 18 -18.78 -18.91 11.59
CA GLY A 18 -18.11 -17.90 12.39
C GLY A 18 -18.63 -16.52 12.10
N LEU A 19 -18.85 -16.21 10.82
CA LEU A 19 -19.35 -14.89 10.43
C LEU A 19 -20.79 -14.70 10.88
N ARG A 20 -21.54 -15.78 10.98
CA ARG A 20 -22.93 -15.72 11.42
C ARG A 20 -23.01 -15.50 12.92
N ASN A 21 -21.96 -15.89 13.63
CA ASN A 21 -21.91 -15.70 15.08
C ASN A 21 -21.27 -14.35 15.43
N ASN A 22 -21.21 -13.48 14.42
CA ASN A 22 -20.66 -12.13 14.57
C ASN A 22 -19.18 -12.03 14.89
N PHE A 23 -18.41 -13.06 14.56
CA PHE A 23 -16.97 -13.04 14.79
C PHE A 23 -16.29 -12.37 13.61
N LEU A 24 -15.24 -11.59 13.87
CA LEU A 24 -14.49 -10.99 12.79
C LEU A 24 -13.53 -12.14 12.42
N VAL A 25 -13.47 -12.48 11.13
CA VAL A 25 -12.59 -13.55 10.72
C VAL A 25 -11.29 -13.04 10.11
N ALA A 26 -10.17 -13.51 10.65
CA ALA A 26 -8.85 -13.15 10.16
C ALA A 26 -8.32 -14.41 9.48
N LEU A 27 -8.10 -14.32 8.17
CA LEU A 27 -7.63 -15.46 7.39
C LEU A 27 -6.22 -15.27 6.84
N ASN A 28 -5.32 -16.15 7.29
CA ASN A 28 -3.94 -16.11 6.83
C ASN A 28 -3.81 -17.16 5.72
N ALA A 29 -3.76 -16.67 4.49
CA ALA A 29 -3.66 -17.54 3.32
C ALA A 29 -2.80 -16.83 2.30
N PRO A 30 -1.78 -17.51 1.76
CA PRO A 30 -0.91 -16.89 0.77
C PRO A 30 -1.62 -16.36 -0.47
N THR A 31 -1.15 -15.22 -0.95
CA THR A 31 -1.71 -14.62 -2.15
C THR A 31 -1.61 -15.69 -3.23
N GLY A 32 -2.62 -15.77 -4.09
CA GLY A 32 -2.61 -16.76 -5.16
C GLY A 32 -3.11 -18.13 -4.75
N SER A 33 -3.49 -18.30 -3.48
CA SER A 33 -3.98 -19.59 -3.00
C SER A 33 -5.50 -19.75 -3.16
N GLY A 34 -6.14 -18.75 -3.75
CA GLY A 34 -7.58 -18.81 -3.95
C GLY A 34 -8.40 -18.17 -2.84
N LYS A 35 -7.80 -17.27 -2.07
CA LYS A 35 -8.54 -16.63 -0.99
C LYS A 35 -9.61 -15.69 -1.52
N THR A 36 -9.42 -15.18 -2.73
CA THR A 36 -10.41 -14.28 -3.32
C THR A 36 -11.69 -15.04 -3.62
N LEU A 37 -11.58 -16.19 -4.28
CA LEU A 37 -12.75 -17.01 -4.60
C LEU A 37 -13.40 -17.48 -3.30
N PHE A 38 -12.58 -17.93 -2.36
CA PHE A 38 -13.05 -18.40 -1.06
C PHE A 38 -13.89 -17.32 -0.38
N SER A 39 -13.32 -16.13 -0.22
CA SER A 39 -14.01 -15.03 0.44
C SER A 39 -15.32 -14.72 -0.26
N LEU A 40 -15.29 -14.66 -1.59
CA LEU A 40 -16.51 -14.37 -2.35
C LEU A 40 -17.56 -15.43 -2.06
N LEU A 41 -17.16 -16.68 -2.13
CA LEU A 41 -18.05 -17.82 -1.90
C LEU A 41 -18.69 -17.81 -0.52
N VAL A 42 -17.90 -17.62 0.54
CA VAL A 42 -18.45 -17.62 1.90
C VAL A 42 -19.30 -16.38 2.19
N SER A 43 -18.83 -15.22 1.73
CA SER A 43 -19.52 -13.96 1.96
C SER A 43 -20.97 -14.00 1.46
N LEU A 44 -21.14 -14.54 0.25
CA LEU A 44 -22.47 -14.65 -0.34
C LEU A 44 -23.42 -15.51 0.51
N GLU A 45 -22.85 -16.42 1.30
CA GLU A 45 -23.65 -17.29 2.17
C GLU A 45 -24.02 -16.59 3.47
N VAL A 46 -23.28 -15.54 3.81
CA VAL A 46 -23.51 -14.81 5.05
C VAL A 46 -24.41 -13.58 4.88
N LYS A 47 -24.14 -12.78 3.86
CA LYS A 47 -24.96 -11.60 3.62
C LYS A 47 -25.35 -11.50 2.15
N PRO A 48 -26.34 -10.65 1.84
CA PRO A 48 -26.87 -10.40 0.49
C PRO A 48 -25.89 -9.72 -0.46
N LYS A 49 -25.08 -8.81 0.09
CA LYS A 49 -24.12 -8.07 -0.71
C LYS A 49 -22.72 -8.25 -0.17
N VAL A 50 -21.73 -7.94 -0.99
CA VAL A 50 -20.34 -8.08 -0.61
C VAL A 50 -19.51 -6.89 -1.07
N LEU A 51 -18.67 -6.40 -0.17
CA LEU A 51 -17.80 -5.28 -0.48
C LEU A 51 -16.34 -5.71 -0.34
N PHE A 52 -15.59 -5.64 -1.43
CA PHE A 52 -14.17 -5.99 -1.41
C PHE A 52 -13.35 -4.72 -1.31
N VAL A 53 -12.50 -4.65 -0.28
CA VAL A 53 -11.62 -3.52 -0.07
C VAL A 53 -10.22 -4.01 -0.44
N VAL A 54 -9.69 -3.49 -1.54
CA VAL A 54 -8.38 -3.91 -2.03
C VAL A 54 -7.39 -2.76 -2.19
N ARG A 55 -6.13 -3.11 -2.30
CA ARG A 55 -5.05 -2.13 -2.43
C ARG A 55 -5.09 -1.34 -3.74
N THR A 56 -5.24 -2.03 -4.86
CA THR A 56 -5.25 -1.35 -6.16
C THR A 56 -6.30 -1.87 -7.13
N HIS A 57 -6.49 -1.12 -8.22
CA HIS A 57 -7.45 -1.45 -9.27
C HIS A 57 -7.15 -2.80 -9.94
N ASN A 58 -5.89 -3.22 -9.87
CA ASN A 58 -5.52 -4.48 -10.49
C ASN A 58 -6.13 -5.68 -9.79
N GLU A 59 -6.59 -5.48 -8.57
CA GLU A 59 -7.23 -6.57 -7.84
C GLU A 59 -8.70 -6.70 -8.24
N PHE A 60 -9.18 -5.76 -9.04
CA PHE A 60 -10.57 -5.79 -9.47
C PHE A 60 -10.90 -6.97 -10.39
N TYR A 61 -10.02 -7.26 -11.34
CA TYR A 61 -10.26 -8.34 -12.30
C TYR A 61 -10.58 -9.72 -11.70
N PRO A 62 -9.71 -10.23 -10.79
CA PRO A 62 -10.01 -11.55 -10.23
C PRO A 62 -11.38 -11.67 -9.55
N ILE A 63 -11.85 -10.59 -8.93
CA ILE A 63 -13.14 -10.61 -8.29
C ILE A 63 -14.18 -10.80 -9.40
N TYR A 64 -14.11 -9.93 -10.40
CA TYR A 64 -14.99 -9.96 -11.56
C TYR A 64 -15.04 -11.37 -12.17
N ARG A 65 -13.87 -11.96 -12.40
CA ARG A 65 -13.77 -13.30 -12.99
C ARG A 65 -14.33 -14.40 -12.09
N ASP A 66 -14.02 -14.34 -10.79
CA ASP A 66 -14.50 -15.35 -9.86
C ASP A 66 -16.01 -15.36 -9.73
N LEU A 67 -16.60 -14.18 -9.71
CA LEU A 67 -18.04 -14.04 -9.55
C LEU A 67 -18.81 -14.63 -10.72
N THR A 68 -18.24 -14.53 -11.92
CA THR A 68 -18.88 -15.05 -13.13
C THR A 68 -18.73 -16.55 -13.29
N LYS A 69 -18.11 -17.20 -12.31
CA LYS A 69 -17.95 -18.65 -12.37
C LYS A 69 -18.39 -19.22 -11.03
N ILE A 70 -19.15 -18.42 -10.29
CA ILE A 70 -19.68 -18.81 -8.99
C ILE A 70 -21.14 -19.21 -9.21
N ARG A 71 -21.65 -20.13 -8.39
CA ARG A 71 -23.02 -20.59 -8.54
C ARG A 71 -23.96 -20.03 -7.47
N GLU A 72 -25.02 -19.35 -7.93
CA GLU A 72 -26.01 -18.75 -7.04
C GLU A 72 -27.37 -18.72 -7.76
N LYS A 73 -28.40 -19.23 -7.09
CA LYS A 73 -29.74 -19.26 -7.67
C LYS A 73 -30.41 -17.89 -7.64
N ARG A 74 -29.80 -16.92 -8.31
CA ARG A 74 -30.29 -15.56 -8.37
C ARG A 74 -29.28 -14.69 -9.12
N ASN A 75 -29.70 -13.51 -9.57
CA ASN A 75 -28.81 -12.62 -10.29
C ASN A 75 -27.91 -11.87 -9.30
N ILE A 76 -26.64 -11.73 -9.65
CA ILE A 76 -25.68 -11.03 -8.81
C ILE A 76 -24.89 -10.09 -9.70
N THR A 77 -25.14 -8.79 -9.55
CA THR A 77 -24.44 -7.79 -10.33
C THR A 77 -23.19 -7.31 -9.61
N PHE A 78 -22.20 -6.92 -10.39
CA PHE A 78 -20.93 -6.44 -9.86
C PHE A 78 -20.66 -5.03 -10.35
N SER A 79 -20.04 -4.21 -9.51
CA SER A 79 -19.66 -2.86 -9.90
C SER A 79 -18.42 -2.49 -9.11
N PHE A 80 -17.77 -1.41 -9.51
CA PHE A 80 -16.55 -0.96 -8.87
C PHE A 80 -16.41 0.54 -9.08
N LEU A 81 -15.44 1.12 -8.39
CA LEU A 81 -15.19 2.54 -8.52
C LEU A 81 -13.68 2.73 -8.64
N VAL A 82 -13.27 3.55 -9.60
CA VAL A 82 -11.86 3.84 -9.73
C VAL A 82 -11.77 5.30 -9.43
N GLY A 83 -10.59 5.69 -8.96
CA GLY A 83 -10.39 7.07 -8.63
C GLY A 83 -10.73 7.98 -9.78
N LYS A 84 -11.02 9.19 -9.37
CA LYS A 84 -11.34 10.28 -10.23
C LYS A 84 -10.14 10.86 -10.94
N PRO A 85 -8.96 10.79 -10.35
CA PRO A 85 -7.98 11.35 -11.29
C PRO A 85 -7.87 10.30 -12.44
N SER A 86 -8.45 9.10 -12.23
CA SER A 86 -8.42 8.00 -13.22
C SER A 86 -9.60 7.90 -14.19
N SER A 87 -10.74 8.45 -13.82
CA SER A 87 -11.93 8.37 -14.65
C SER A 87 -12.38 9.70 -15.26
N CYS A 88 -11.83 10.80 -14.75
CA CYS A 88 -12.15 12.12 -15.24
C CYS A 88 -11.72 12.26 -16.70
N LEU A 89 -12.59 12.83 -17.52
CA LEU A 89 -12.31 13.02 -18.94
C LEU A 89 -11.17 14.01 -19.19
N TYR A 90 -10.98 14.95 -18.27
CA TYR A 90 -9.96 15.98 -18.43
C TYR A 90 -8.78 15.91 -17.48
N ALA A 91 -8.60 14.77 -16.82
CA ALA A 91 -7.51 14.62 -15.87
C ALA A 91 -6.25 14.05 -16.50
N GLU A 92 -5.11 14.67 -16.19
CA GLU A 92 -3.82 14.22 -16.68
C GLU A 92 -3.17 13.50 -15.50
N LYS A 93 -2.26 12.58 -15.77
CA LYS A 93 -1.61 11.86 -14.69
C LYS A 93 -0.90 12.84 -13.76
N GLY A 94 -1.08 12.63 -12.46
CA GLY A 94 -0.49 13.51 -11.47
C GLY A 94 -1.57 14.33 -10.81
N ALA A 95 -2.73 14.36 -11.44
CA ALA A 95 -3.87 15.12 -10.92
C ALA A 95 -4.38 14.48 -9.64
N GLU A 96 -4.61 15.33 -8.63
CA GLU A 96 -5.13 14.88 -7.34
C GLU A 96 -6.65 14.99 -7.45
N SER A 97 -7.36 14.10 -6.76
CA SER A 97 -8.81 14.11 -6.77
C SER A 97 -9.37 15.50 -6.46
N GLU A 98 -8.85 16.12 -5.42
CA GLU A 98 -9.29 17.45 -5.01
C GLU A 98 -9.02 18.50 -6.08
N ASP A 99 -8.07 18.24 -6.96
CA ASP A 99 -7.71 19.18 -8.01
C ASP A 99 -8.71 19.22 -9.16
N ILE A 100 -9.56 18.19 -9.26
CA ILE A 100 -10.55 18.12 -10.32
C ILE A 100 -11.71 19.06 -10.00
N PRO A 101 -11.79 20.21 -10.70
CA PRO A 101 -12.85 21.21 -10.50
C PRO A 101 -14.22 20.83 -11.08
N CYS A 102 -14.75 19.70 -10.63
CA CYS A 102 -16.04 19.21 -11.10
C CYS A 102 -17.13 20.30 -11.06
N LYS A 103 -17.03 21.21 -10.10
CA LYS A 103 -18.02 22.29 -9.99
C LYS A 103 -18.20 23.05 -11.30
N TYR A 104 -17.09 23.38 -11.95
CA TYR A 104 -17.13 24.14 -13.20
C TYR A 104 -17.29 23.29 -14.44
N CYS A 105 -17.57 22.01 -14.25
CA CYS A 105 -17.73 21.09 -15.37
C CYS A 105 -19.20 20.91 -15.71
N GLU A 106 -19.52 20.94 -17.00
CA GLU A 106 -20.90 20.78 -17.45
C GLU A 106 -21.32 19.32 -17.52
N LEU A 107 -20.51 18.44 -16.94
CA LEU A 107 -20.81 17.01 -16.93
C LEU A 107 -21.04 16.53 -15.50
N LYS A 108 -20.87 17.45 -14.55
CA LYS A 108 -21.03 17.17 -13.12
C LYS A 108 -22.30 16.37 -12.79
N GLY A 109 -23.35 16.56 -13.58
CA GLY A 109 -24.59 15.83 -13.33
C GLY A 109 -24.96 14.81 -14.39
N SER A 110 -24.23 14.82 -15.51
CA SER A 110 -24.52 13.89 -16.61
C SER A 110 -23.89 12.51 -16.40
N ILE A 111 -24.76 11.53 -16.19
CA ILE A 111 -24.35 10.14 -15.97
C ILE A 111 -25.16 9.23 -16.87
N VAL A 112 -24.70 7.99 -17.00
CA VAL A 112 -25.39 6.99 -17.79
C VAL A 112 -25.30 5.72 -16.96
N GLU A 113 -26.14 4.73 -17.28
CA GLU A 113 -26.12 3.47 -16.54
C GLU A 113 -24.90 2.66 -16.93
N VAL A 114 -24.21 2.11 -15.95
CA VAL A 114 -23.02 1.32 -16.25
C VAL A 114 -23.19 -0.16 -15.96
N LYS A 115 -22.68 -0.98 -16.87
CA LYS A 115 -22.74 -2.43 -16.75
C LYS A 115 -21.34 -2.99 -16.89
N THR A 116 -20.94 -3.82 -15.93
CA THR A 116 -19.61 -4.41 -15.98
C THR A 116 -19.70 -5.69 -16.80
N ASP A 117 -19.69 -5.52 -18.12
CA ASP A 117 -19.75 -6.63 -19.06
C ASP A 117 -18.37 -6.84 -19.67
N ASP A 118 -17.35 -6.34 -18.97
CA ASP A 118 -15.98 -6.45 -19.42
C ASP A 118 -15.07 -6.19 -18.23
N SER A 119 -13.80 -6.59 -18.35
CA SER A 119 -12.86 -6.39 -17.26
C SER A 119 -12.92 -4.93 -16.80
N PRO A 120 -12.97 -4.70 -15.48
CA PRO A 120 -13.05 -3.36 -14.90
C PRO A 120 -12.21 -2.31 -15.61
N LEU A 121 -10.90 -2.53 -15.69
CA LEU A 121 -10.01 -1.58 -16.33
C LEU A 121 -10.35 -1.29 -17.80
N SER A 122 -10.87 -2.30 -18.49
CA SER A 122 -11.25 -2.13 -19.91
C SER A 122 -12.51 -1.27 -19.98
N LEU A 123 -13.44 -1.51 -19.06
CA LEU A 123 -14.67 -0.75 -19.01
C LEU A 123 -14.37 0.73 -18.82
N VAL A 124 -13.39 1.04 -17.97
CA VAL A 124 -13.03 2.43 -17.71
C VAL A 124 -12.54 3.12 -19.00
N LYS A 125 -11.74 2.40 -19.78
CA LYS A 125 -11.24 2.96 -21.02
C LYS A 125 -12.41 3.26 -21.94
N LYS A 126 -13.40 2.37 -21.96
CA LYS A 126 -14.58 2.56 -22.81
C LYS A 126 -15.44 3.73 -22.37
N LEU A 127 -15.64 3.86 -21.05
CA LEU A 127 -16.45 4.93 -20.51
C LEU A 127 -15.85 6.29 -20.81
N LYS A 128 -14.53 6.37 -20.76
CA LYS A 128 -13.84 7.64 -21.03
C LYS A 128 -13.99 8.04 -22.48
N LYS A 129 -14.04 7.05 -23.38
CA LYS A 129 -14.19 7.33 -24.80
C LYS A 129 -15.64 7.69 -25.11
N ASP A 130 -16.57 6.88 -24.59
CA ASP A 130 -17.99 7.13 -24.81
C ASP A 130 -18.42 8.38 -24.05
N GLY A 131 -17.72 8.66 -22.96
CA GLY A 131 -18.03 9.82 -22.16
C GLY A 131 -17.73 11.13 -22.86
N LEU A 132 -16.63 11.16 -23.62
CA LEU A 132 -16.24 12.37 -24.34
C LEU A 132 -17.19 12.59 -25.50
N GLN A 133 -17.62 11.50 -26.12
CA GLN A 133 -18.54 11.55 -27.26
C GLN A 133 -19.97 11.83 -26.83
N ASP A 134 -20.53 10.92 -26.03
CA ASP A 134 -21.91 11.04 -25.55
C ASP A 134 -22.10 12.15 -24.51
N LYS A 135 -20.99 12.74 -24.08
CA LYS A 135 -21.02 13.82 -23.10
C LYS A 135 -21.53 13.42 -21.71
N PHE A 136 -20.73 12.64 -20.98
CA PHE A 136 -21.10 12.21 -19.64
C PHE A 136 -19.84 11.93 -18.81
N CYS A 137 -19.98 12.03 -17.49
CA CYS A 137 -18.84 11.79 -16.59
C CYS A 137 -18.74 10.34 -16.16
N PRO A 138 -17.65 9.65 -16.54
CA PRO A 138 -17.44 8.25 -16.17
C PRO A 138 -17.41 8.05 -14.67
N TYR A 139 -16.72 8.94 -13.97
CA TYR A 139 -16.61 8.84 -12.52
C TYR A 139 -17.97 8.82 -11.84
N TYR A 140 -18.76 9.85 -12.06
CA TYR A 140 -20.08 9.92 -11.45
C TYR A 140 -20.99 8.79 -11.90
N SER A 141 -20.77 8.30 -13.12
CA SER A 141 -21.57 7.20 -13.62
C SER A 141 -21.23 5.97 -12.76
N LEU A 142 -19.94 5.70 -12.58
CA LEU A 142 -19.53 4.56 -11.76
C LEU A 142 -19.97 4.74 -10.30
N LEU A 143 -19.81 5.95 -9.79
CA LEU A 143 -20.19 6.25 -8.41
C LEU A 143 -21.67 5.96 -8.17
N ASN A 144 -22.49 6.36 -9.13
CA ASN A 144 -23.93 6.17 -9.07
C ASN A 144 -24.36 4.72 -9.21
N SER A 145 -23.51 3.88 -9.79
CA SER A 145 -23.85 2.48 -9.98
C SER A 145 -23.63 1.62 -8.74
N LEU A 146 -22.82 2.10 -7.81
CA LEU A 146 -22.51 1.33 -6.61
C LEU A 146 -23.69 0.80 -5.79
N TYR A 147 -24.55 1.69 -5.31
CA TYR A 147 -25.67 1.27 -4.47
C TYR A 147 -26.65 0.25 -5.06
N LYS A 148 -26.57 -0.02 -6.35
CA LYS A 148 -27.48 -0.98 -6.98
C LYS A 148 -26.85 -2.36 -7.13
N ALA A 149 -25.52 -2.42 -7.13
CA ALA A 149 -24.79 -3.68 -7.31
C ALA A 149 -24.80 -4.58 -6.07
N ASP A 150 -24.70 -5.88 -6.29
CA ASP A 150 -24.69 -6.84 -5.20
C ASP A 150 -23.27 -6.99 -4.66
N VAL A 151 -22.31 -6.99 -5.57
CA VAL A 151 -20.89 -7.10 -5.20
C VAL A 151 -20.15 -5.89 -5.73
N ILE A 152 -19.41 -5.20 -4.86
CA ILE A 152 -18.63 -4.06 -5.28
C ILE A 152 -17.20 -4.14 -4.80
N ALA A 153 -16.31 -3.54 -5.58
CA ALA A 153 -14.89 -3.52 -5.25
C ALA A 153 -14.44 -2.08 -5.24
N LEU A 154 -13.74 -1.71 -4.17
CA LEU A 154 -13.24 -0.36 -3.97
C LEU A 154 -11.83 -0.47 -3.40
N THR A 155 -11.06 0.61 -3.48
CA THR A 155 -9.71 0.62 -2.93
C THR A 155 -9.78 1.10 -1.47
N TYR A 156 -8.71 0.87 -0.72
CA TYR A 156 -8.63 1.23 0.70
C TYR A 156 -9.22 2.57 1.15
N PRO A 157 -8.82 3.68 0.53
CA PRO A 157 -9.36 4.97 0.96
C PRO A 157 -10.87 5.12 1.06
N TYR A 158 -11.62 4.50 0.15
CA TYR A 158 -13.08 4.63 0.20
C TYR A 158 -13.72 3.91 1.36
N PHE A 159 -12.94 3.09 2.06
CA PHE A 159 -13.46 2.37 3.20
C PHE A 159 -12.93 2.99 4.49
N PHE A 160 -11.65 3.37 4.47
CA PHE A 160 -11.01 3.94 5.66
C PHE A 160 -10.96 5.45 5.81
N ILE A 161 -11.03 6.19 4.70
CA ILE A 161 -10.98 7.65 4.78
C ILE A 161 -12.38 8.26 4.65
N ASP A 162 -12.88 8.78 5.76
CA ASP A 162 -14.22 9.39 5.84
C ASP A 162 -14.56 10.27 4.64
N ARG A 163 -13.65 11.16 4.28
CA ARG A 163 -13.86 12.07 3.16
C ARG A 163 -14.29 11.30 1.90
N TYR A 164 -13.77 10.09 1.74
CA TYR A 164 -14.10 9.26 0.59
C TYR A 164 -15.28 8.32 0.88
N ARG A 165 -15.36 7.83 2.11
CA ARG A 165 -16.44 6.92 2.49
C ARG A 165 -17.78 7.65 2.35
N GLU A 166 -17.78 8.95 2.64
CA GLU A 166 -18.99 9.76 2.54
C GLU A 166 -19.48 9.77 1.10
N PHE A 167 -18.55 9.88 0.16
CA PHE A 167 -18.88 9.90 -1.27
C PHE A 167 -19.74 8.69 -1.62
N ILE A 168 -19.43 7.54 -1.03
CA ILE A 168 -20.18 6.31 -1.29
C ILE A 168 -21.57 6.41 -0.68
N ASP A 169 -22.54 5.71 -1.28
CA ASP A 169 -23.91 5.73 -0.79
C ASP A 169 -24.42 4.33 -0.45
N ILE A 170 -23.78 3.68 0.53
CA ILE A 170 -24.19 2.34 0.93
C ILE A 170 -24.33 2.17 2.44
N ASP A 171 -25.30 1.35 2.85
CA ASP A 171 -25.58 1.10 4.26
C ASP A 171 -24.39 0.47 5.00
N LEU A 172 -23.72 -0.47 4.36
CA LEU A 172 -22.56 -1.14 4.94
C LEU A 172 -22.96 -2.34 5.79
N ARG A 173 -24.06 -2.20 6.54
CA ARG A 173 -24.53 -3.28 7.40
C ARG A 173 -25.05 -4.44 6.58
N GLU A 174 -25.45 -4.17 5.34
CA GLU A 174 -25.96 -5.22 4.47
C GLU A 174 -24.87 -5.90 3.65
N TYR A 175 -23.62 -5.51 3.87
CA TYR A 175 -22.50 -6.08 3.14
C TYR A 175 -21.55 -6.92 3.98
N MET A 176 -21.07 -8.01 3.40
CA MET A 176 -20.06 -8.83 4.06
C MET A 176 -18.83 -8.05 3.58
N ILE A 177 -17.95 -7.68 4.50
CA ILE A 177 -16.79 -6.88 4.13
C ILE A 177 -15.49 -7.70 4.06
N VAL A 178 -14.85 -7.66 2.89
CA VAL A 178 -13.60 -8.42 2.70
C VAL A 178 -12.43 -7.45 2.49
N ILE A 179 -11.53 -7.42 3.45
CA ILE A 179 -10.35 -6.55 3.36
C ILE A 179 -9.14 -7.40 2.99
N ASP A 180 -8.67 -7.23 1.75
CA ASP A 180 -7.56 -8.00 1.21
C ASP A 180 -6.19 -7.40 1.50
N GLU A 181 -5.16 -8.25 1.55
CA GLU A 181 -3.81 -7.80 1.86
C GLU A 181 -3.88 -6.99 3.15
N ALA A 182 -4.67 -7.48 4.10
CA ALA A 182 -4.87 -6.79 5.39
C ALA A 182 -3.61 -6.44 6.19
N HIS A 183 -2.46 -7.00 5.82
CA HIS A 183 -1.24 -6.63 6.54
C HIS A 183 -0.95 -5.14 6.32
N ASN A 184 -1.58 -4.57 5.31
CA ASN A 184 -1.42 -3.15 4.99
C ASN A 184 -2.21 -2.21 5.91
N LEU A 185 -2.96 -2.79 6.85
CA LEU A 185 -3.75 -1.98 7.78
C LEU A 185 -2.88 -1.10 8.66
N ASP A 186 -1.60 -1.46 8.77
CA ASP A 186 -0.67 -0.68 9.58
C ASP A 186 -0.33 0.64 8.92
N LYS A 187 -0.49 0.70 7.60
CA LYS A 187 -0.15 1.90 6.86
C LYS A 187 -1.36 2.67 6.38
N VAL A 188 -2.52 2.41 6.95
CA VAL A 188 -3.72 3.13 6.52
C VAL A 188 -3.48 4.62 6.69
N ASN A 189 -2.72 4.99 7.73
CA ASN A 189 -2.46 6.41 7.98
C ASN A 189 -1.77 7.08 6.80
N GLU A 190 -0.99 6.33 6.04
CA GLU A 190 -0.31 6.90 4.89
C GLU A 190 -1.33 7.38 3.85
N LEU A 191 -2.55 6.85 3.94
CA LEU A 191 -3.61 7.23 2.99
C LEU A 191 -3.95 8.71 2.98
N GLU A 192 -3.82 9.36 4.12
CA GLU A 192 -4.12 10.78 4.18
C GLU A 192 -2.98 11.65 4.71
N GLU A 193 -1.78 11.09 4.80
CA GLU A 193 -0.66 11.89 5.27
C GLU A 193 -0.29 12.94 4.22
N ARG A 194 -0.09 14.16 4.68
CA ARG A 194 0.26 15.28 3.80
C ARG A 194 1.72 15.67 3.99
N SER A 195 2.34 16.16 2.93
CA SER A 195 3.74 16.56 3.01
C SER A 195 3.91 17.95 2.41
N LEU A 196 5.00 18.59 2.78
CA LEU A 196 5.32 19.92 2.30
C LEU A 196 6.81 19.92 1.96
N SER A 197 7.15 20.26 0.72
CA SER A 197 8.55 20.28 0.29
C SER A 197 8.94 21.55 -0.41
N GLU A 198 10.25 21.81 -0.46
CA GLU A 198 10.75 23.00 -1.12
C GLU A 198 10.42 22.94 -2.61
N ILE A 199 10.55 21.76 -3.19
CA ILE A 199 10.26 21.57 -4.62
C ILE A 199 8.81 21.91 -4.95
N THR A 200 7.89 21.45 -4.10
CA THR A 200 6.46 21.70 -4.29
C THR A 200 6.13 23.20 -4.20
N ILE A 201 6.75 23.89 -3.26
CA ILE A 201 6.51 25.32 -3.08
C ILE A 201 7.03 26.12 -4.26
N GLN A 202 8.17 25.72 -4.82
CA GLN A 202 8.73 26.42 -5.96
C GLN A 202 7.84 26.18 -7.16
N MET A 203 7.41 24.93 -7.35
CA MET A 203 6.52 24.63 -8.47
C MET A 203 5.21 25.37 -8.32
N ALA A 204 4.83 25.65 -7.07
CA ALA A 204 3.61 26.38 -6.79
C ALA A 204 3.83 27.83 -7.19
N ILE A 205 5.02 28.32 -6.87
CA ILE A 205 5.39 29.70 -7.20
C ILE A 205 5.52 29.89 -8.71
N LYS A 206 5.91 28.84 -9.41
CA LYS A 206 6.07 28.89 -10.86
C LYS A 206 4.74 28.77 -11.59
N GLN A 207 3.80 28.07 -10.96
CA GLN A 207 2.47 27.85 -11.53
C GLN A 207 1.49 28.94 -11.11
N SER A 208 1.91 29.78 -10.18
CA SER A 208 1.06 30.86 -9.67
C SER A 208 0.60 31.86 -10.72
N LYS A 209 -0.50 32.55 -10.40
CA LYS A 209 -1.09 33.56 -11.26
C LYS A 209 -1.28 34.80 -10.40
N SER A 210 -0.58 34.83 -9.27
CA SER A 210 -0.67 35.94 -8.32
C SER A 210 0.69 36.15 -7.65
N GLU A 211 1.27 37.34 -7.81
CA GLU A 211 2.56 37.62 -7.20
C GLU A 211 2.37 37.69 -5.69
N GLU A 212 1.22 38.21 -5.27
CA GLU A 212 0.91 38.32 -3.85
C GLU A 212 0.89 36.90 -3.28
N SER A 213 0.53 35.93 -4.12
CA SER A 213 0.51 34.53 -3.72
C SER A 213 1.94 34.04 -3.69
N ARG A 214 2.67 34.31 -4.77
CA ARG A 214 4.07 33.94 -4.91
C ARG A 214 4.87 34.56 -3.77
N ARG A 215 4.35 35.65 -3.21
CA ARG A 215 5.00 36.34 -2.11
C ARG A 215 4.97 35.42 -0.90
N ILE A 216 3.75 35.13 -0.46
CA ILE A 216 3.53 34.27 0.70
C ILE A 216 4.23 32.92 0.54
N LEU A 217 4.30 32.42 -0.69
CA LEU A 217 4.96 31.14 -0.96
C LEU A 217 6.47 31.25 -0.78
N SER A 218 7.06 32.33 -1.30
CA SER A 218 8.50 32.54 -1.19
C SER A 218 8.89 32.54 0.28
N LYS A 219 8.11 33.25 1.08
CA LYS A 219 8.36 33.34 2.52
C LYS A 219 8.26 31.96 3.18
N LEU A 220 7.17 31.25 2.90
CA LEU A 220 6.94 29.92 3.45
C LEU A 220 8.15 29.05 3.14
N LEU A 221 8.68 29.20 1.94
CA LEU A 221 9.84 28.44 1.48
C LEU A 221 11.05 28.61 2.39
N ASN A 222 11.38 29.85 2.72
CA ASN A 222 12.52 30.13 3.58
C ASN A 222 12.32 29.52 4.98
N GLN A 223 11.12 29.70 5.53
CA GLN A 223 10.83 29.16 6.85
C GLN A 223 10.94 27.62 6.87
N LEU A 224 10.50 26.99 5.79
CA LEU A 224 10.54 25.54 5.68
C LEU A 224 11.96 24.99 5.74
N ARG A 225 12.90 25.71 5.14
CA ARG A 225 14.28 25.25 5.11
C ARG A 225 14.88 25.10 6.50
N GLU A 226 14.24 25.69 7.50
CA GLU A 226 14.73 25.63 8.87
C GLU A 226 14.10 24.53 9.71
N VAL A 227 13.02 23.94 9.22
CA VAL A 227 12.36 22.89 9.97
C VAL A 227 12.44 21.51 9.34
N VAL A 228 13.35 21.32 8.39
CA VAL A 228 13.49 19.99 7.79
C VAL A 228 14.96 19.61 7.71
N LEU A 229 15.22 18.31 7.79
CA LEU A 229 16.57 17.76 7.71
C LEU A 229 16.53 16.62 6.69
N PRO A 230 17.71 16.23 6.15
CA PRO A 230 17.80 15.15 5.17
C PRO A 230 17.56 13.75 5.74
N ASP A 231 17.75 13.62 7.05
CA ASP A 231 17.58 12.36 7.76
C ASP A 231 16.36 11.56 7.34
N GLU A 232 16.59 10.29 7.00
CA GLU A 232 15.52 9.42 6.56
C GLU A 232 14.84 8.79 7.77
N LYS A 233 14.35 9.65 8.65
CA LYS A 233 13.64 9.24 9.87
C LYS A 233 12.79 10.41 10.34
N TYR A 234 11.70 10.12 11.05
CA TYR A 234 10.82 11.18 11.52
C TYR A 234 11.34 11.91 12.75
N ILE A 235 11.52 13.22 12.59
CA ILE A 235 11.98 14.09 13.67
C ILE A 235 10.85 15.08 13.90
N LYS A 236 10.29 15.10 15.10
CA LYS A 236 9.18 16.00 15.42
C LYS A 236 9.51 17.48 15.23
N VAL A 237 8.59 18.21 14.61
CA VAL A 237 8.78 19.65 14.38
C VAL A 237 7.78 20.45 15.21
N GLU A 238 8.27 21.20 16.19
CA GLU A 238 7.41 22.02 17.03
C GLU A 238 7.17 23.41 16.45
N ASN A 239 8.07 23.87 15.59
CA ASN A 239 7.95 25.20 15.01
C ASN A 239 7.59 25.19 13.53
N VAL A 240 6.37 24.76 13.23
CA VAL A 240 5.90 24.72 11.86
C VAL A 240 5.63 26.15 11.37
N PRO A 241 6.03 26.46 10.13
CA PRO A 241 5.80 27.81 9.60
C PRO A 241 4.33 28.20 9.74
N LYS A 242 4.07 29.47 10.04
CA LYS A 242 2.71 29.94 10.24
C LYS A 242 2.08 30.61 9.01
N LEU A 243 0.78 30.46 8.87
CA LEU A 243 0.02 31.06 7.77
C LEU A 243 -1.27 31.61 8.37
N SER A 244 -1.46 32.92 8.26
CA SER A 244 -2.65 33.56 8.81
C SER A 244 -3.90 33.25 8.00
N LYS A 245 -5.05 33.51 8.61
CA LYS A 245 -6.33 33.30 7.97
C LYS A 245 -6.41 34.07 6.66
N GLU A 246 -5.79 35.25 6.65
CA GLU A 246 -5.78 36.11 5.47
C GLU A 246 -4.85 35.58 4.38
N GLU A 247 -3.65 35.15 4.78
CA GLU A 247 -2.70 34.62 3.80
C GLU A 247 -3.29 33.39 3.12
N LEU A 248 -4.03 32.59 3.89
CA LEU A 248 -4.65 31.38 3.37
C LEU A 248 -5.73 31.71 2.35
N GLU A 249 -6.47 32.78 2.59
CA GLU A 249 -7.52 33.20 1.66
C GLU A 249 -6.87 33.63 0.36
N ILE A 250 -5.70 34.26 0.46
CA ILE A 250 -4.98 34.71 -0.73
C ILE A 250 -4.49 33.49 -1.53
N LEU A 251 -3.98 32.48 -0.83
CA LEU A 251 -3.50 31.28 -1.50
C LEU A 251 -4.66 30.52 -2.12
N ALA A 252 -5.78 30.49 -1.41
CA ALA A 252 -6.96 29.80 -1.88
C ALA A 252 -7.51 30.41 -3.16
N ASP A 253 -7.37 31.73 -3.29
CA ASP A 253 -7.84 32.43 -4.49
C ASP A 253 -6.99 32.04 -5.69
N ASP A 254 -5.68 31.90 -5.46
CA ASP A 254 -4.75 31.52 -6.52
C ASP A 254 -5.04 30.08 -6.94
N TYR A 255 -5.40 29.25 -5.96
CA TYR A 255 -5.72 27.85 -6.22
C TYR A 255 -6.97 27.76 -7.09
N GLU A 256 -7.99 28.50 -6.70
CA GLU A 256 -9.25 28.50 -7.44
C GLU A 256 -9.07 28.95 -8.88
N ASP A 257 -8.28 30.01 -9.09
CA ASP A 257 -8.02 30.52 -10.43
C ASP A 257 -7.40 29.44 -11.31
N ILE A 258 -6.32 28.83 -10.84
CA ILE A 258 -5.65 27.77 -11.58
C ILE A 258 -6.60 26.63 -11.92
N ARG A 259 -7.30 26.11 -10.92
CA ARG A 259 -8.25 25.00 -11.11
C ARG A 259 -9.25 25.29 -12.22
N LYS A 260 -9.92 26.43 -12.11
CA LYS A 260 -10.94 26.85 -13.07
C LYS A 260 -10.38 26.94 -14.48
N ASP A 261 -9.18 27.46 -14.61
CA ASP A 261 -8.52 27.63 -15.90
C ASP A 261 -8.12 26.29 -16.52
N SER A 262 -7.57 25.41 -15.70
CA SER A 262 -7.14 24.09 -16.18
C SER A 262 -8.31 23.31 -16.76
N LEU A 263 -9.47 23.42 -16.12
CA LEU A 263 -10.66 22.73 -16.58
C LEU A 263 -11.10 23.34 -17.90
N LYS A 264 -10.79 24.61 -18.09
CA LYS A 264 -11.14 25.34 -19.31
C LYS A 264 -10.32 24.83 -20.48
N GLN A 265 -9.08 24.46 -20.21
CA GLN A 265 -8.18 23.95 -21.25
C GLN A 265 -8.33 22.44 -21.36
N GLY A 266 -9.33 21.90 -20.65
CA GLY A 266 -9.57 20.48 -20.67
C GLY A 266 -8.37 19.67 -20.21
N LYS A 267 -7.44 20.32 -19.51
CA LYS A 267 -6.23 19.65 -19.03
C LYS A 267 -5.98 19.93 -17.56
N VAL A 268 -6.34 18.97 -16.71
CA VAL A 268 -6.15 19.10 -15.28
C VAL A 268 -4.88 18.40 -14.83
N ASN A 269 -3.86 19.19 -14.52
CA ASN A 269 -2.59 18.67 -14.04
C ASN A 269 -2.52 18.84 -12.53
N LYS A 270 -1.48 18.29 -11.91
CA LYS A 270 -1.32 18.43 -10.48
C LYS A 270 -1.17 19.92 -10.20
N ILE A 271 -1.96 20.42 -9.25
CA ILE A 271 -1.93 21.83 -8.88
C ILE A 271 -1.24 21.87 -7.52
N HIS A 272 0.04 22.24 -7.55
CA HIS A 272 0.90 22.29 -6.38
C HIS A 272 0.44 23.06 -5.14
N ILE A 273 -0.10 24.25 -5.34
CA ILE A 273 -0.55 25.03 -4.20
C ILE A 273 -1.68 24.29 -3.50
N GLY A 274 -2.33 23.40 -4.23
CA GLY A 274 -3.41 22.61 -3.67
C GLY A 274 -2.93 21.72 -2.53
N SER A 275 -1.81 21.05 -2.71
CA SER A 275 -1.28 20.18 -1.67
C SER A 275 -0.82 21.01 -0.49
N ILE A 276 -0.46 22.26 -0.75
CA ILE A 276 -0.01 23.15 0.31
C ILE A 276 -1.21 23.50 1.19
N LEU A 277 -2.31 23.90 0.57
CA LEU A 277 -3.51 24.25 1.30
C LEU A 277 -4.01 23.04 2.09
N ARG A 278 -4.00 21.87 1.46
CA ARG A 278 -4.45 20.65 2.12
C ARG A 278 -3.57 20.31 3.32
N PHE A 279 -2.28 20.65 3.23
CA PHE A 279 -1.37 20.37 4.32
C PHE A 279 -1.74 21.17 5.56
N PHE A 280 -2.00 22.47 5.37
CA PHE A 280 -2.35 23.31 6.50
C PHE A 280 -3.73 23.07 7.08
N SER A 281 -4.70 22.68 6.25
CA SER A 281 -6.03 22.40 6.77
C SER A 281 -6.01 21.13 7.60
N LEU A 282 -5.25 20.13 7.15
CA LEU A 282 -5.15 18.88 7.90
C LEU A 282 -4.39 19.14 9.19
N LEU A 283 -3.42 20.05 9.13
CA LEU A 283 -2.61 20.41 10.29
C LEU A 283 -3.46 21.06 11.36
N SER A 284 -4.57 21.65 10.96
CA SER A 284 -5.46 22.33 11.89
C SER A 284 -6.41 21.39 12.61
N ILE A 285 -6.72 20.26 11.98
CA ILE A 285 -7.63 19.26 12.55
C ILE A 285 -7.21 18.84 13.97
N GLY A 286 -5.89 18.78 14.22
CA GLY A 286 -5.42 18.43 15.55
C GLY A 286 -4.92 17.01 15.82
N SER A 287 -5.35 16.04 15.02
CA SER A 287 -4.92 14.65 15.23
C SER A 287 -3.56 14.35 14.60
N PHE A 288 -3.09 15.23 13.74
CA PHE A 288 -1.82 15.01 13.06
C PHE A 288 -0.62 15.72 13.71
N ILE A 289 0.55 15.09 13.56
CA ILE A 289 1.80 15.62 14.11
C ILE A 289 2.75 15.88 12.97
N PRO A 290 3.43 17.04 12.98
CA PRO A 290 4.36 17.34 11.89
C PRO A 290 5.76 16.81 12.19
N PHE A 291 6.38 16.23 11.17
CA PHE A 291 7.73 15.69 11.32
C PHE A 291 8.56 16.02 10.11
N SER A 292 9.86 16.10 10.33
CA SER A 292 10.79 16.30 9.25
C SER A 292 11.07 14.88 8.75
N TYR A 293 11.20 14.71 7.44
CA TYR A 293 11.51 13.41 6.88
C TYR A 293 12.05 13.56 5.46
N SER A 294 13.30 13.14 5.26
CA SER A 294 13.91 13.25 3.94
C SER A 294 13.71 14.61 3.28
N LYS A 295 14.08 15.66 3.99
CA LYS A 295 13.99 17.03 3.50
C LYS A 295 12.59 17.57 3.24
N ARG A 296 11.59 16.98 3.89
CA ARG A 296 10.23 17.44 3.73
C ARG A 296 9.55 17.44 5.10
N LEU A 297 8.48 18.22 5.20
CA LEU A 297 7.68 18.29 6.42
C LEU A 297 6.52 17.35 6.12
N VAL A 298 6.31 16.37 7.00
CA VAL A 298 5.24 15.42 6.81
C VAL A 298 4.29 15.43 8.01
N ILE A 299 2.99 15.38 7.75
CA ILE A 299 2.05 15.34 8.85
C ILE A 299 1.33 14.00 8.80
N LYS A 300 1.36 13.28 9.91
CA LYS A 300 0.69 12.00 9.97
C LYS A 300 0.21 11.66 11.36
N ASN A 301 -0.77 10.77 11.42
CA ASN A 301 -1.34 10.34 12.69
C ASN A 301 -0.71 9.02 13.11
N PRO A 302 0.11 9.04 14.16
CA PRO A 302 0.82 7.88 14.72
C PRO A 302 -0.08 6.76 15.22
N GLU A 303 -1.32 7.10 15.57
CA GLU A 303 -2.26 6.11 16.09
C GLU A 303 -2.98 5.28 15.02
N ILE A 304 -2.48 4.05 14.82
CA ILE A 304 -3.04 3.13 13.85
C ILE A 304 -4.52 2.88 14.13
N SER A 305 -4.86 2.73 15.41
CA SER A 305 -6.24 2.48 15.83
C SER A 305 -7.22 3.52 15.32
N TYR A 306 -6.72 4.71 15.03
CA TYR A 306 -7.52 5.83 14.55
C TYR A 306 -8.35 5.49 13.30
N TYR A 307 -7.78 4.66 12.44
CA TYR A 307 -8.43 4.28 11.19
C TYR A 307 -9.13 2.92 11.24
N LEU A 308 -8.78 2.12 12.24
CA LEU A 308 -9.34 0.77 12.34
C LEU A 308 -10.46 0.57 13.37
N ASN A 309 -10.85 1.62 14.09
CA ASN A 309 -11.90 1.44 15.08
C ASN A 309 -13.19 0.96 14.43
N LEU A 310 -13.34 1.26 13.14
CA LEU A 310 -14.51 0.86 12.38
C LEU A 310 -14.62 -0.67 12.30
N LEU A 311 -13.50 -1.34 12.51
CA LEU A 311 -13.48 -2.80 12.46
C LEU A 311 -14.11 -3.46 13.70
N ASN A 312 -14.28 -2.69 14.77
CA ASN A 312 -14.86 -3.20 16.01
C ASN A 312 -16.39 -3.09 16.05
N ASP A 313 -16.97 -2.45 15.04
CA ASP A 313 -18.41 -2.27 14.99
C ASP A 313 -19.11 -3.62 14.81
N ASN A 314 -19.80 -4.06 15.86
CA ASN A 314 -20.51 -5.35 15.84
C ASN A 314 -21.57 -5.49 14.76
N GLU A 315 -22.03 -4.37 14.20
CA GLU A 315 -23.05 -4.44 13.17
C GLU A 315 -22.42 -4.70 11.80
N LEU A 316 -21.11 -4.94 11.78
CA LEU A 316 -20.41 -5.20 10.53
C LEU A 316 -19.78 -6.59 10.50
N SER A 317 -20.03 -7.33 9.42
CA SER A 317 -19.45 -8.66 9.24
C SER A 317 -18.16 -8.48 8.43
N ILE A 318 -17.04 -8.91 9.01
CA ILE A 318 -15.74 -8.68 8.39
C ILE A 318 -14.75 -9.84 8.28
N ILE A 319 -14.09 -9.90 7.12
CA ILE A 319 -13.04 -10.88 6.87
C ILE A 319 -11.79 -10.09 6.51
N LEU A 320 -10.70 -10.35 7.22
CA LEU A 320 -9.42 -9.71 6.96
C LEU A 320 -8.54 -10.84 6.46
N MET A 321 -7.89 -10.65 5.32
CA MET A 321 -7.04 -11.70 4.81
C MET A 321 -5.71 -11.22 4.23
N SER A 322 -4.71 -12.07 4.36
CA SER A 322 -3.36 -11.78 3.87
C SER A 322 -2.48 -13.02 4.04
N GLY A 323 -1.37 -13.06 3.32
CA GLY A 323 -0.47 -14.18 3.46
C GLY A 323 0.43 -13.99 4.66
N THR A 324 0.51 -12.76 5.15
CA THR A 324 1.35 -12.47 6.29
C THR A 324 0.68 -11.59 7.36
N LEU A 325 -0.38 -12.11 7.94
CA LEU A 325 -1.11 -11.38 8.98
C LEU A 325 -0.28 -11.36 10.26
N PRO A 326 -0.30 -10.23 10.98
CA PRO A 326 0.47 -10.21 12.23
C PRO A 326 -0.27 -11.09 13.24
N PRO A 327 0.39 -11.47 14.33
CA PRO A 327 -0.31 -12.30 15.31
C PRO A 327 -1.50 -11.59 15.97
N ARG A 328 -2.39 -12.40 16.55
CA ARG A 328 -3.59 -11.93 17.23
C ARG A 328 -3.35 -10.85 18.29
N GLU A 329 -2.37 -11.09 19.15
CA GLU A 329 -2.04 -10.16 20.22
C GLU A 329 -1.69 -8.79 19.64
N TYR A 330 -1.04 -8.79 18.49
CA TYR A 330 -0.64 -7.56 17.82
C TYR A 330 -1.88 -6.82 17.31
N MET A 331 -2.82 -7.58 16.74
CA MET A 331 -4.05 -7.00 16.21
C MET A 331 -4.86 -6.41 17.35
N GLU A 332 -4.68 -6.95 18.55
CA GLU A 332 -5.40 -6.46 19.72
C GLU A 332 -4.77 -5.18 20.26
N LYS A 333 -3.49 -5.24 20.60
CA LYS A 333 -2.78 -4.09 21.17
C LYS A 333 -2.41 -3.01 20.16
N VAL A 334 -1.91 -3.41 19.00
CA VAL A 334 -1.50 -2.42 18.01
C VAL A 334 -2.62 -1.93 17.11
N TRP A 335 -3.40 -2.84 16.52
CA TRP A 335 -4.50 -2.42 15.64
C TRP A 335 -5.69 -1.96 16.46
N GLY A 336 -5.82 -2.48 17.68
CA GLY A 336 -6.92 -2.11 18.55
C GLY A 336 -8.21 -2.87 18.33
N ILE A 337 -8.13 -4.07 17.75
CA ILE A 337 -9.33 -4.86 17.51
C ILE A 337 -9.72 -5.53 18.82
N LYS A 338 -10.94 -5.27 19.26
CA LYS A 338 -11.43 -5.80 20.53
C LYS A 338 -12.54 -6.84 20.39
N ARG A 339 -13.27 -6.79 19.28
CA ARG A 339 -14.36 -7.74 19.07
C ARG A 339 -13.89 -9.18 18.96
N ASN A 340 -14.82 -10.11 19.06
CA ASN A 340 -14.50 -11.53 18.97
C ASN A 340 -13.93 -11.84 17.60
N MET A 341 -12.82 -12.58 17.59
CA MET A 341 -12.14 -12.92 16.35
C MET A 341 -11.75 -14.39 16.24
N LEU A 342 -11.96 -14.94 15.05
CA LEU A 342 -11.61 -16.31 14.72
C LEU A 342 -10.38 -16.13 13.82
N TYR A 343 -9.25 -16.65 14.27
CA TYR A 343 -7.99 -16.49 13.53
C TYR A 343 -7.60 -17.82 12.88
N LEU A 344 -7.73 -17.90 11.55
CA LEU A 344 -7.41 -19.13 10.83
C LEU A 344 -6.15 -19.05 9.96
N ASP A 345 -5.40 -20.14 9.95
CA ASP A 345 -4.17 -20.23 9.16
C ASP A 345 -4.33 -21.41 8.21
N VAL A 346 -4.60 -21.10 6.95
CA VAL A 346 -4.82 -22.12 5.93
C VAL A 346 -3.81 -23.25 5.87
N GLU A 347 -2.52 -22.92 5.85
CA GLU A 347 -1.50 -23.95 5.76
C GLU A 347 -1.44 -24.84 7.00
N ARG A 348 -1.73 -24.27 8.16
CA ARG A 348 -1.71 -25.05 9.39
C ARG A 348 -2.93 -25.97 9.41
N GLU A 349 -3.99 -25.55 8.74
CA GLU A 349 -5.22 -26.32 8.67
C GLU A 349 -5.12 -27.56 7.81
N ILE A 350 -4.39 -27.46 6.70
CA ILE A 350 -4.24 -28.60 5.79
C ILE A 350 -2.92 -29.31 6.00
N GLN A 351 -2.17 -28.87 7.01
CA GLN A 351 -0.90 -29.48 7.35
C GLN A 351 0.12 -29.53 6.21
N LYS A 352 0.03 -28.58 5.28
CA LYS A 352 0.97 -28.54 4.17
C LYS A 352 1.09 -27.13 3.62
N ARG A 353 2.20 -26.86 2.95
CA ARG A 353 2.40 -25.54 2.38
C ARG A 353 1.65 -25.41 1.06
N VAL A 354 1.08 -24.24 0.84
CA VAL A 354 0.34 -23.97 -0.38
C VAL A 354 1.14 -22.93 -1.16
N SER A 355 2.22 -22.47 -0.55
CA SER A 355 3.11 -21.49 -1.16
C SER A 355 4.39 -22.21 -1.62
N GLY A 356 5.20 -21.53 -2.40
CA GLY A 356 6.43 -22.13 -2.91
C GLY A 356 7.43 -22.38 -1.80
N SER A 357 8.63 -22.83 -2.17
CA SER A 357 9.65 -23.10 -1.16
C SER A 357 10.94 -22.35 -1.50
N TYR A 358 11.94 -22.47 -0.62
CA TYR A 358 13.20 -21.81 -0.88
C TYR A 358 14.35 -22.29 -0.03
N GLU A 359 15.55 -22.16 -0.60
CA GLU A 359 16.80 -22.50 0.04
C GLU A 359 17.21 -21.21 0.70
N CYS A 360 17.72 -21.28 1.93
CA CYS A 360 18.12 -20.06 2.60
C CYS A 360 19.61 -20.01 2.95
N TYR A 361 20.17 -18.81 2.79
CA TYR A 361 21.57 -18.53 3.08
C TYR A 361 21.64 -17.30 3.99
N ILE A 362 22.35 -17.46 5.10
CA ILE A 362 22.51 -16.38 6.05
C ILE A 362 23.94 -15.88 6.04
N GLY A 363 24.12 -14.59 5.74
CA GLY A 363 25.45 -14.01 5.73
C GLY A 363 25.78 -13.55 7.14
N VAL A 364 26.81 -14.15 7.74
CA VAL A 364 27.16 -13.79 9.10
C VAL A 364 28.36 -12.85 9.26
N ASP A 365 28.88 -12.34 8.16
CA ASP A 365 30.04 -11.46 8.23
C ASP A 365 29.67 -10.02 7.89
N VAL A 366 28.37 -9.75 7.88
CA VAL A 366 27.82 -8.44 7.61
C VAL A 366 26.65 -8.16 8.57
N THR A 367 26.29 -6.89 8.70
CA THR A 367 25.15 -6.47 9.52
C THR A 367 24.89 -5.01 9.23
N SER A 368 23.65 -4.58 9.41
CA SER A 368 23.29 -3.20 9.17
C SER A 368 23.12 -2.48 10.52
N LYS A 369 23.44 -3.17 11.61
CA LYS A 369 23.30 -2.58 12.93
C LYS A 369 24.13 -1.29 12.97
N TYR A 370 23.63 -0.28 13.69
CA TYR A 370 24.28 1.02 13.78
C TYR A 370 25.74 1.00 14.22
N ASP A 371 26.06 0.13 15.17
CA ASP A 371 27.41 0.04 15.70
C ASP A 371 28.50 -0.44 14.74
N MET A 372 28.11 -0.96 13.59
CA MET A 372 29.09 -1.48 12.64
C MET A 372 28.99 -0.91 11.24
N ARG A 373 27.98 -0.09 10.99
CA ARG A 373 27.85 0.44 9.63
C ARG A 373 28.98 1.39 9.27
N SER A 374 29.60 1.12 8.13
CA SER A 374 30.70 1.90 7.62
C SER A 374 30.80 1.71 6.12
N ASP A 375 31.64 2.52 5.48
CA ASP A 375 31.83 2.40 4.04
C ASP A 375 32.31 0.99 3.72
N ASN A 376 33.12 0.41 4.60
CA ASN A 376 33.61 -0.95 4.41
C ASN A 376 32.47 -1.98 4.45
N MET A 377 31.49 -1.75 5.31
CA MET A 377 30.36 -2.68 5.41
C MET A 377 29.58 -2.64 4.10
N TRP A 378 29.34 -1.44 3.60
CA TRP A 378 28.61 -1.27 2.37
C TRP A 378 29.30 -1.96 1.19
N LYS A 379 30.63 -2.02 1.25
CA LYS A 379 31.44 -2.64 0.22
C LYS A 379 31.28 -4.15 0.29
N ARG A 380 31.21 -4.67 1.52
CA ARG A 380 31.04 -6.10 1.71
C ARG A 380 29.66 -6.48 1.16
N TYR A 381 28.68 -5.62 1.41
CA TYR A 381 27.32 -5.84 0.93
C TYR A 381 27.26 -5.82 -0.60
N ALA A 382 27.97 -4.88 -1.21
CA ALA A 382 28.00 -4.79 -2.67
C ALA A 382 28.65 -6.04 -3.24
N ASP A 383 29.68 -6.55 -2.56
CA ASP A 383 30.35 -7.75 -3.04
C ASP A 383 29.41 -8.96 -2.94
N TYR A 384 28.55 -8.97 -1.92
CA TYR A 384 27.60 -10.05 -1.78
C TYR A 384 26.64 -10.01 -2.97
N LEU A 385 26.13 -8.82 -3.28
CA LEU A 385 25.19 -8.65 -4.39
C LEU A 385 25.78 -9.11 -5.73
N LEU A 386 27.05 -8.80 -5.97
CA LEU A 386 27.68 -9.25 -7.21
C LEU A 386 27.72 -10.78 -7.24
N LYS A 387 28.15 -11.37 -6.15
CA LYS A 387 28.23 -12.83 -6.05
C LYS A 387 26.88 -13.48 -6.28
N ILE A 388 25.85 -12.93 -5.66
CA ILE A 388 24.51 -13.47 -5.80
C ILE A 388 24.01 -13.30 -7.23
N TYR A 389 24.30 -12.16 -7.83
CA TYR A 389 23.89 -11.86 -9.21
C TYR A 389 24.47 -12.90 -10.19
N PHE A 390 25.77 -13.12 -10.12
CA PHE A 390 26.45 -14.06 -11.01
C PHE A 390 25.90 -15.49 -10.98
N GLN A 391 25.47 -15.96 -9.81
CA GLN A 391 24.93 -17.32 -9.69
C GLN A 391 23.42 -17.42 -9.84
N ALA A 392 22.77 -16.28 -10.06
CA ALA A 392 21.33 -16.26 -10.19
C ALA A 392 20.82 -16.79 -11.53
N LYS A 393 19.76 -17.59 -11.48
CA LYS A 393 19.18 -18.15 -12.70
C LYS A 393 18.34 -17.09 -13.39
N ALA A 394 17.90 -16.08 -12.64
CA ALA A 394 17.09 -15.01 -13.20
C ALA A 394 17.34 -13.69 -12.47
N ASN A 395 16.32 -12.85 -12.36
CA ASN A 395 16.46 -11.55 -11.70
C ASN A 395 16.60 -11.62 -10.18
N VAL A 396 17.27 -10.61 -9.61
CA VAL A 396 17.52 -10.57 -8.17
C VAL A 396 16.81 -9.40 -7.50
N LEU A 397 15.99 -9.73 -6.51
CA LEU A 397 15.23 -8.71 -5.77
C LEU A 397 15.95 -8.41 -4.46
N VAL A 398 16.40 -7.17 -4.31
CA VAL A 398 17.10 -6.77 -3.10
C VAL A 398 16.26 -5.80 -2.25
N VAL A 399 16.09 -6.13 -0.98
CA VAL A 399 15.32 -5.29 -0.07
C VAL A 399 16.27 -4.62 0.92
N PHE A 400 16.33 -3.30 0.84
CA PHE A 400 17.18 -2.49 1.72
C PHE A 400 16.35 -1.83 2.83
N PRO A 401 17.00 -1.48 3.95
CA PRO A 401 16.31 -0.86 5.10
C PRO A 401 15.95 0.60 4.84
N SER A 402 16.63 1.22 3.88
CA SER A 402 16.37 2.61 3.59
C SER A 402 16.96 3.01 2.23
N TYR A 403 16.51 4.15 1.71
CA TYR A 403 17.04 4.64 0.44
C TYR A 403 18.51 5.02 0.62
N GLU A 404 18.86 5.48 1.81
CA GLU A 404 20.23 5.87 2.09
C GLU A 404 21.19 4.69 1.95
N ILE A 405 20.84 3.55 2.55
CA ILE A 405 21.71 2.38 2.47
C ILE A 405 21.71 1.77 1.07
N MET A 406 20.55 1.76 0.42
CA MET A 406 20.46 1.24 -0.94
C MET A 406 21.44 2.02 -1.81
N ASP A 407 21.47 3.34 -1.66
CA ASP A 407 22.38 4.16 -2.44
C ASP A 407 23.85 3.85 -2.16
N ARG A 408 24.22 3.75 -0.89
CA ARG A 408 25.60 3.45 -0.56
C ARG A 408 26.06 2.11 -1.12
N VAL A 409 25.14 1.17 -1.26
CA VAL A 409 25.48 -0.14 -1.79
C VAL A 409 25.37 -0.22 -3.32
N MET A 410 24.24 0.18 -3.86
CA MET A 410 23.99 0.13 -5.30
C MET A 410 24.91 1.02 -6.13
N SER A 411 25.35 2.14 -5.54
CA SER A 411 26.22 3.08 -6.24
C SER A 411 27.55 2.45 -6.62
N ARG A 412 27.91 1.37 -5.93
CA ARG A 412 29.17 0.66 -6.17
C ARG A 412 29.04 -0.44 -7.21
N ILE A 413 27.85 -0.65 -7.71
CA ILE A 413 27.59 -1.73 -8.66
C ILE A 413 27.38 -1.25 -10.10
N SER A 414 28.09 -1.89 -11.03
CA SER A 414 27.99 -1.54 -12.44
C SER A 414 27.16 -2.52 -13.26
N LEU A 415 26.65 -3.55 -12.60
CA LEU A 415 25.83 -4.56 -13.26
C LEU A 415 24.51 -3.93 -13.66
N PRO A 416 23.74 -4.60 -14.54
CA PRO A 416 22.45 -4.01 -14.91
C PRO A 416 21.56 -4.00 -13.67
N LYS A 417 21.02 -2.83 -13.34
CA LYS A 417 20.20 -2.69 -12.15
C LYS A 417 19.03 -1.74 -12.36
N TYR A 418 18.01 -1.91 -11.52
CA TYR A 418 16.84 -1.05 -11.54
C TYR A 418 16.60 -0.63 -10.09
N VAL A 419 16.83 0.64 -9.81
CA VAL A 419 16.68 1.17 -8.45
C VAL A 419 15.36 1.92 -8.21
N GLU A 420 14.57 1.43 -7.26
CA GLU A 420 13.30 2.03 -6.90
C GLU A 420 13.42 3.51 -6.55
N SER A 421 12.37 4.27 -6.85
CA SER A 421 12.32 5.70 -6.57
C SER A 421 10.86 6.16 -6.62
N GLU A 422 10.64 7.45 -6.36
CA GLU A 422 9.28 8.01 -6.39
C GLU A 422 8.61 7.83 -7.75
N ASP A 423 9.39 7.97 -8.82
CA ASP A 423 8.87 7.82 -10.17
C ASP A 423 8.66 6.37 -10.60
N SER A 424 9.39 5.45 -9.98
CA SER A 424 9.28 4.03 -10.32
C SER A 424 7.83 3.58 -10.48
N SER A 425 7.55 2.90 -11.58
CA SER A 425 6.21 2.39 -11.85
C SER A 425 6.28 0.90 -12.11
N VAL A 426 5.12 0.27 -12.24
CA VAL A 426 5.04 -1.17 -12.49
C VAL A 426 5.63 -1.54 -13.85
N GLU A 427 5.20 -0.87 -14.91
CA GLU A 427 5.68 -1.16 -16.24
C GLU A 427 7.17 -0.88 -16.41
N ASP A 428 7.69 0.11 -15.70
CA ASP A 428 9.12 0.45 -15.78
C ASP A 428 9.92 -0.72 -15.22
N LEU A 429 9.41 -1.32 -14.14
CA LEU A 429 10.05 -2.46 -13.51
C LEU A 429 9.95 -3.67 -14.42
N TYR A 430 8.72 -4.04 -14.76
CA TYR A 430 8.48 -5.19 -15.62
C TYR A 430 9.26 -5.06 -16.93
N SER A 431 9.49 -3.82 -17.36
CA SER A 431 10.23 -3.55 -18.59
C SER A 431 11.71 -3.76 -18.37
N ALA A 432 12.28 -3.02 -17.42
CA ALA A 432 13.70 -3.11 -17.10
C ALA A 432 14.15 -4.56 -17.09
N ILE A 433 13.45 -5.38 -16.32
CA ILE A 433 13.77 -6.80 -16.23
C ILE A 433 13.23 -7.50 -17.46
N SER A 434 13.37 -6.83 -18.61
CA SER A 434 12.92 -7.34 -19.91
C SER A 434 13.64 -6.56 -21.02
N ALA A 435 14.87 -6.15 -20.75
CA ALA A 435 15.69 -5.41 -21.70
C ALA A 435 17.16 -5.41 -21.29
N ASN A 436 17.48 -6.19 -20.25
CA ASN A 436 18.85 -6.29 -19.74
C ASN A 436 19.16 -7.70 -19.25
N ASN A 437 18.17 -8.57 -19.34
CA ASN A 437 18.31 -9.95 -18.86
C ASN A 437 18.43 -9.88 -17.33
N LYS A 438 19.33 -10.65 -16.72
CA LYS A 438 19.45 -10.60 -15.27
C LYS A 438 19.66 -9.18 -14.76
N VAL A 439 18.74 -8.73 -13.91
CA VAL A 439 18.81 -7.40 -13.33
C VAL A 439 18.76 -7.43 -11.81
N LEU A 440 19.52 -6.53 -11.20
CA LEU A 440 19.55 -6.40 -9.75
C LEU A 440 18.48 -5.37 -9.43
N ILE A 441 17.39 -5.80 -8.81
CA ILE A 441 16.33 -4.85 -8.46
C ILE A 441 16.53 -4.27 -7.06
N GLY A 442 16.65 -2.95 -6.97
CA GLY A 442 16.87 -2.29 -5.69
C GLY A 442 15.57 -1.71 -5.13
N SER A 443 15.13 -2.24 -4.00
CA SER A 443 13.90 -1.75 -3.38
C SER A 443 14.10 -1.54 -1.89
N VAL A 444 13.24 -0.71 -1.30
CA VAL A 444 13.31 -0.41 0.11
C VAL A 444 12.09 -1.00 0.81
N GLY A 445 12.32 -1.58 1.97
CA GLY A 445 11.26 -2.21 2.75
C GLY A 445 9.96 -1.44 2.90
N LYS A 446 10.06 -0.12 3.02
CA LYS A 446 8.89 0.73 3.16
C LYS A 446 7.99 0.66 1.92
N GLY A 447 8.02 -0.49 1.25
CA GLY A 447 7.22 -0.70 0.06
C GLY A 447 7.37 0.39 -0.98
N LYS A 448 6.28 0.63 -1.72
CA LYS A 448 6.23 1.66 -2.76
C LYS A 448 6.87 1.16 -4.06
N LEU A 449 6.56 -0.07 -4.44
CA LEU A 449 7.10 -0.64 -5.67
C LEU A 449 6.29 -1.85 -6.11
N ALA A 450 5.34 -1.61 -7.00
CA ALA A 450 4.48 -2.66 -7.52
C ALA A 450 3.69 -3.34 -6.39
N GLU A 451 4.18 -4.49 -5.94
CA GLU A 451 3.54 -5.25 -4.87
C GLU A 451 2.13 -5.74 -5.23
N GLY A 452 1.51 -5.09 -6.20
CA GLY A 452 0.17 -5.48 -6.61
C GLY A 452 0.17 -6.10 -8.00
N ILE A 453 1.31 -6.67 -8.38
CA ILE A 453 1.46 -7.30 -9.68
C ILE A 453 2.32 -8.56 -9.59
N GLU A 454 2.16 -9.46 -10.55
CA GLU A 454 2.91 -10.71 -10.56
C GLU A 454 4.12 -10.65 -11.50
N LEU A 455 5.31 -10.72 -10.93
CA LEU A 455 6.54 -10.67 -11.70
C LEU A 455 6.86 -12.04 -12.29
N ARG A 456 5.98 -12.50 -13.17
CA ARG A 456 6.15 -13.80 -13.82
C ARG A 456 6.08 -13.62 -15.33
N ASN A 457 6.81 -14.46 -16.07
CA ASN A 457 6.80 -14.41 -17.52
C ASN A 457 6.82 -15.86 -18.00
N ASN A 458 5.91 -16.20 -18.90
CA ASN A 458 5.80 -17.57 -19.41
C ASN A 458 5.45 -18.49 -18.24
N ASP A 459 4.62 -17.98 -17.34
CA ASP A 459 4.16 -18.73 -16.17
C ASP A 459 5.27 -19.07 -15.17
N ARG A 460 6.45 -18.45 -15.33
CA ARG A 460 7.56 -18.69 -14.41
C ARG A 460 8.04 -17.42 -13.73
N SER A 461 8.35 -17.52 -12.44
CA SER A 461 8.82 -16.39 -11.67
C SER A 461 10.02 -15.72 -12.34
N LEU A 462 10.02 -14.39 -12.34
CA LEU A 462 11.12 -13.61 -12.93
C LEU A 462 12.20 -13.38 -11.89
N ILE A 463 11.89 -13.72 -10.64
CA ILE A 463 12.82 -13.53 -9.52
C ILE A 463 13.34 -14.86 -9.02
N SER A 464 14.63 -15.09 -9.17
CA SER A 464 15.23 -16.34 -8.70
C SER A 464 15.84 -16.20 -7.31
N ASP A 465 16.22 -14.98 -6.95
CA ASP A 465 16.85 -14.74 -5.65
C ASP A 465 16.31 -13.48 -4.97
N VAL A 466 16.04 -13.60 -3.67
CA VAL A 466 15.55 -12.47 -2.89
C VAL A 466 16.65 -12.22 -1.86
N VAL A 467 17.14 -10.99 -1.83
CA VAL A 467 18.21 -10.62 -0.92
C VAL A 467 17.74 -9.59 0.09
N ILE A 468 17.98 -9.86 1.36
CA ILE A 468 17.60 -8.94 2.42
C ILE A 468 18.89 -8.39 3.03
N VAL A 469 19.18 -7.13 2.70
CA VAL A 469 20.37 -6.43 3.19
C VAL A 469 20.08 -5.81 4.55
N GLY A 470 20.67 -6.39 5.59
CA GLY A 470 20.45 -5.91 6.94
C GLY A 470 19.03 -6.27 7.34
N ILE A 471 18.56 -5.77 8.47
CA ILE A 471 17.18 -6.07 8.88
C ILE A 471 16.38 -4.80 8.63
N PRO A 472 15.27 -4.91 7.86
CA PRO A 472 14.44 -3.73 7.57
C PRO A 472 13.56 -3.31 8.75
N TYR A 473 14.19 -2.92 9.84
CA TYR A 473 13.49 -2.47 11.04
C TYR A 473 13.04 -1.02 10.89
N PRO A 474 11.89 -0.65 11.50
CA PRO A 474 11.52 0.75 11.35
C PRO A 474 12.45 1.46 12.33
N PRO A 475 12.97 2.64 11.95
CA PRO A 475 13.87 3.32 12.88
C PRO A 475 13.17 3.74 14.17
N PRO A 476 13.93 3.84 15.27
CA PRO A 476 13.37 4.25 16.56
C PRO A 476 13.31 5.77 16.64
N ASP A 477 12.53 6.37 15.74
CA ASP A 477 12.40 7.82 15.70
C ASP A 477 11.20 8.35 16.50
N ASP A 478 10.93 9.64 16.35
CA ASP A 478 9.82 10.28 17.08
C ASP A 478 8.45 9.75 16.70
N TYR A 479 8.28 9.33 15.45
CA TYR A 479 7.01 8.79 15.01
C TYR A 479 6.68 7.50 15.74
N LEU A 480 7.67 6.61 15.84
CA LEU A 480 7.48 5.31 16.50
C LEU A 480 7.32 5.48 18.01
N LYS A 481 8.03 6.44 18.58
CA LYS A 481 7.94 6.69 20.01
C LYS A 481 6.54 7.15 20.36
N ILE A 482 5.97 8.01 19.52
CA ILE A 482 4.61 8.49 19.76
C ILE A 482 3.63 7.36 19.52
N LEU A 483 3.85 6.58 18.46
CA LEU A 483 2.97 5.48 18.16
C LEU A 483 2.94 4.54 19.36
N ALA A 484 4.10 4.32 19.97
CA ALA A 484 4.21 3.46 21.14
C ALA A 484 3.41 3.98 22.33
N GLN A 485 3.54 5.28 22.60
CA GLN A 485 2.83 5.88 23.72
C GLN A 485 1.31 5.85 23.50
N ARG A 486 0.87 6.07 22.26
CA ARG A 486 -0.56 6.05 21.94
C ARG A 486 -1.16 4.66 22.22
N VAL A 487 -0.30 3.65 22.32
CA VAL A 487 -0.76 2.28 22.58
C VAL A 487 -0.30 1.76 23.93
N SER A 488 0.31 2.63 24.74
CA SER A 488 0.77 2.24 26.06
C SER A 488 1.80 1.11 26.03
N LEU A 489 2.84 1.29 25.24
CA LEU A 489 3.91 0.31 25.12
C LEU A 489 5.24 1.04 25.24
N LYS A 490 5.99 0.74 26.28
CA LYS A 490 7.29 1.38 26.50
C LYS A 490 8.35 0.79 25.58
N MET A 491 9.35 1.60 25.25
CA MET A 491 10.44 1.16 24.40
C MET A 491 11.32 0.22 25.20
N ASN A 492 10.94 -1.07 25.26
CA ASN A 492 11.72 -2.04 26.02
C ASN A 492 11.85 -3.40 25.32
N ARG A 493 12.69 -4.25 25.88
CA ARG A 493 12.94 -5.59 25.37
C ARG A 493 11.62 -6.30 25.12
N GLU A 494 10.75 -6.25 26.12
CA GLU A 494 9.45 -6.89 26.05
C GLU A 494 8.66 -6.51 24.80
N ASN A 495 8.58 -5.22 24.49
CA ASN A 495 7.81 -4.76 23.34
C ASN A 495 8.57 -4.67 22.01
N GLU A 496 9.81 -5.12 21.99
CA GLU A 496 10.60 -5.08 20.77
C GLU A 496 9.93 -5.84 19.62
N GLU A 497 9.31 -6.97 19.92
CA GLU A 497 8.68 -7.75 18.87
C GLU A 497 7.53 -7.01 18.19
N PHE A 498 6.64 -6.42 18.99
CA PHE A 498 5.50 -5.68 18.45
C PHE A 498 5.90 -4.40 17.73
N LEU A 499 6.87 -3.68 18.28
CA LEU A 499 7.32 -2.42 17.69
C LEU A 499 8.32 -2.51 16.55
N PHE A 500 9.18 -3.53 16.54
CA PHE A 500 10.19 -3.66 15.50
C PHE A 500 10.20 -4.96 14.67
N LYS A 501 10.10 -6.10 15.34
CA LYS A 501 10.17 -7.38 14.66
C LYS A 501 9.00 -7.77 13.76
N ILE A 502 7.78 -7.58 14.21
CA ILE A 502 6.66 -7.96 13.40
C ILE A 502 6.62 -7.19 12.07
N PRO A 503 6.78 -5.86 12.09
CA PRO A 503 6.76 -5.17 10.79
C PRO A 503 7.94 -5.59 9.90
N ALA A 504 9.07 -5.91 10.52
CA ALA A 504 10.23 -6.35 9.75
C ALA A 504 9.90 -7.70 9.08
N LEU A 505 9.31 -8.61 9.86
CA LEU A 505 8.92 -9.93 9.35
C LEU A 505 7.93 -9.81 8.19
N VAL A 506 6.96 -8.91 8.32
CA VAL A 506 5.98 -8.68 7.27
C VAL A 506 6.69 -8.23 5.99
N THR A 507 7.60 -7.27 6.14
CA THR A 507 8.35 -6.76 4.99
C THR A 507 9.13 -7.87 4.28
N ILE A 508 9.85 -8.67 5.05
CA ILE A 508 10.63 -9.75 4.49
C ILE A 508 9.78 -10.83 3.83
N LYS A 509 8.74 -11.29 4.54
CA LYS A 509 7.89 -12.34 4.00
C LYS A 509 7.15 -11.90 2.73
N GLN A 510 6.77 -10.63 2.67
CA GLN A 510 6.10 -10.14 1.46
C GLN A 510 7.11 -10.12 0.31
N ALA A 511 8.35 -9.73 0.59
CA ALA A 511 9.36 -9.67 -0.46
C ALA A 511 9.55 -11.09 -1.01
N ILE A 512 9.79 -12.04 -0.12
CA ILE A 512 9.95 -13.45 -0.51
C ILE A 512 8.74 -13.93 -1.33
N GLY A 513 7.54 -13.57 -0.87
CA GLY A 513 6.33 -13.98 -1.56
C GLY A 513 6.28 -13.41 -2.97
N ARG A 514 7.10 -12.40 -3.23
CA ARG A 514 7.16 -11.77 -4.54
C ARG A 514 7.89 -12.67 -5.55
N ALA A 515 8.69 -13.62 -5.05
CA ALA A 515 9.44 -14.52 -5.91
C ALA A 515 8.77 -15.89 -6.04
N ILE A 516 7.87 -16.17 -5.10
CA ILE A 516 7.17 -17.45 -5.11
C ILE A 516 5.68 -17.23 -4.84
N ARG A 517 4.86 -18.09 -5.43
CA ARG A 517 3.41 -18.02 -5.28
C ARG A 517 2.84 -19.42 -5.27
N ASP A 518 3.22 -20.22 -6.26
CA ASP A 518 2.76 -21.60 -6.38
C ASP A 518 3.59 -22.54 -5.53
N VAL A 519 3.02 -23.71 -5.21
CA VAL A 519 3.72 -24.72 -4.42
C VAL A 519 4.91 -25.24 -5.19
N ASN A 520 4.91 -24.99 -6.50
CA ASN A 520 5.98 -25.45 -7.37
C ASN A 520 7.13 -24.46 -7.53
N ASP A 521 6.92 -23.21 -7.17
CA ASP A 521 8.00 -22.22 -7.28
C ASP A 521 9.11 -22.51 -6.27
N LYS A 522 10.33 -22.18 -6.67
CA LYS A 522 11.50 -22.41 -5.82
C LYS A 522 12.46 -21.25 -6.02
N CYS A 523 13.01 -20.71 -4.92
CA CYS A 523 13.96 -19.62 -5.05
C CYS A 523 14.97 -19.66 -3.91
N ASN A 524 15.96 -18.77 -4.00
CA ASN A 524 16.95 -18.66 -2.95
C ASN A 524 16.61 -17.38 -2.20
N VAL A 525 16.85 -17.39 -0.90
CA VAL A 525 16.63 -16.23 -0.06
C VAL A 525 17.96 -16.05 0.69
N TRP A 526 18.52 -14.84 0.58
CA TRP A 526 19.80 -14.53 1.23
C TRP A 526 19.53 -13.52 2.34
N LEU A 527 19.65 -13.96 3.59
CA LEU A 527 19.44 -13.09 4.75
C LEU A 527 20.81 -12.55 5.12
N LEU A 528 21.14 -11.36 4.62
CA LEU A 528 22.46 -10.79 4.88
C LEU A 528 22.60 -9.91 6.12
N ASP A 529 22.73 -10.56 7.27
CA ASP A 529 22.92 -9.90 8.54
C ASP A 529 23.14 -11.01 9.56
N LYS A 530 24.23 -10.93 10.30
CA LYS A 530 24.53 -11.97 11.28
C LYS A 530 23.38 -12.17 12.29
N ARG A 531 22.61 -11.12 12.56
CA ARG A 531 21.49 -11.20 13.48
C ARG A 531 20.43 -12.22 13.04
N PHE A 532 20.33 -12.46 11.74
CA PHE A 532 19.35 -13.42 11.22
C PHE A 532 19.68 -14.86 11.61
N GLU A 533 20.86 -15.09 12.16
CA GLU A 533 21.21 -16.46 12.52
C GLU A 533 20.51 -16.94 13.79
N SER A 534 20.01 -16.00 14.59
CA SER A 534 19.33 -16.36 15.83
C SER A 534 18.08 -17.19 15.54
N LEU A 535 17.74 -18.11 16.44
CA LEU A 535 16.60 -18.97 16.20
C LEU A 535 15.30 -18.21 15.93
N TYR A 536 15.13 -17.05 16.54
CA TYR A 536 13.92 -16.26 16.34
C TYR A 536 13.63 -16.03 14.86
N TRP A 537 14.66 -15.67 14.10
CA TRP A 537 14.49 -15.41 12.67
C TRP A 537 14.35 -16.68 11.84
N LYS A 538 15.08 -17.72 12.20
CA LYS A 538 15.00 -18.97 11.44
C LYS A 538 13.61 -19.57 11.61
N LYS A 539 13.10 -19.52 12.84
CA LYS A 539 11.77 -20.05 13.12
C LYS A 539 10.71 -19.24 12.36
N ASN A 540 10.70 -17.93 12.56
CA ASN A 540 9.70 -17.08 11.93
C ASN A 540 9.79 -16.90 10.40
N LEU A 541 10.99 -17.06 9.84
CA LEU A 541 11.14 -16.95 8.39
C LEU A 541 11.17 -18.35 7.76
N LYS A 542 10.86 -19.34 8.59
CA LYS A 542 10.83 -20.73 8.16
C LYS A 542 12.05 -21.20 7.37
N CYS A 543 13.22 -21.09 7.99
CA CYS A 543 14.46 -21.52 7.37
C CYS A 543 15.38 -22.06 8.47
N LEU A 544 14.83 -22.96 9.27
CA LEU A 544 15.57 -23.58 10.36
C LEU A 544 16.73 -24.38 9.79
N ASN A 545 16.68 -24.67 8.50
CA ASN A 545 17.72 -25.43 7.80
C ASN A 545 18.68 -24.54 7.01
N ALA A 546 18.63 -23.24 7.28
CA ALA A 546 19.47 -22.27 6.58
C ALA A 546 20.96 -22.59 6.56
N ASN A 547 21.60 -22.24 5.44
CA ASN A 547 23.05 -22.42 5.25
C ASN A 547 23.77 -21.17 5.72
N LYS A 548 24.81 -21.35 6.52
CA LYS A 548 25.59 -20.25 7.05
C LYS A 548 26.70 -19.94 6.04
N MET A 549 27.05 -18.67 5.88
CA MET A 549 28.12 -18.33 4.93
C MET A 549 28.84 -17.00 5.15
N LYS A 550 30.04 -16.90 4.56
CA LYS A 550 30.87 -15.70 4.65
C LYS A 550 31.44 -15.29 3.29
N LEU A 551 31.93 -14.06 3.23
CA LEU A 551 32.53 -13.49 2.01
C LEU A 551 31.46 -13.11 1.00
CAC FLC B . 21.38 -7.35 18.40
CA FLC B . 20.22 -6.97 19.24
CB FLC B . 19.06 -7.15 18.26
CBC FLC B . 19.22 -6.07 17.19
CG FLC B . 19.07 -8.55 17.66
CGC FLC B . 17.94 -8.69 16.68
OA1 FLC B . 21.17 -7.68 17.34
OA2 FLC B . 22.52 -7.43 18.68
OB1 FLC B . 18.34 -5.52 16.66
OB2 FLC B . 20.24 -5.64 16.83
OG1 FLC B . 17.74 -7.66 16.08
OG2 FLC B . 17.35 -9.76 16.50
OHB FLC B . 17.84 -7.17 18.97
FE1 SF4 C . -16.47 14.27 -14.31
FE2 SF4 C . -16.19 16.76 -15.24
FE3 SF4 C . -13.93 15.33 -14.69
FE4 SF4 C . -15.54 16.09 -12.69
S1 SF4 C . -14.39 17.44 -14.08
S2 SF4 C . -14.78 14.06 -12.80
S3 SF4 C . -17.66 16.09 -13.61
S4 SF4 C . -15.49 14.91 -16.39
C1 IPA D . -6.23 -14.43 -6.16
C2 IPA D . -6.52 -15.74 -5.46
C3 IPA D . -6.05 -16.81 -6.40
O2 IPA D . -5.80 -15.96 -4.29
C1 IPA E . 32.17 -8.32 15.51
C2 IPA E . 32.09 -9.19 14.25
C3 IPA E . 33.45 -9.84 13.98
O2 IPA E . 31.12 -10.22 14.46
C1 IPA F . 9.89 -22.71 4.11
C2 IPA F . 10.82 -23.27 3.03
C3 IPA F . 10.76 -24.80 3.05
O2 IPA F . 10.39 -22.81 1.75
C1 IPA G . 24.23 -21.56 -5.28
C2 IPA G . 24.92 -20.36 -4.62
C3 IPA G . 25.64 -20.81 -3.35
O2 IPA G . 25.87 -19.82 -5.54
C1 IPA H . -6.67 4.76 -4.53
C2 IPA H . -6.90 4.98 -6.03
C3 IPA H . -8.40 5.02 -6.31
O2 IPA H . -6.33 6.22 -6.43
C1 IPA I . 18.59 -0.28 12.29
C2 IPA I . 19.24 -1.59 11.83
C3 IPA I . 19.33 -2.55 13.00
O2 IPA I . 18.44 -2.18 10.82
C1 IPA J . 1.05 -2.27 -1.33
C2 IPA J . 0.82 -1.74 -2.75
C3 IPA J . 0.55 -2.91 -3.68
O2 IPA J . -0.31 -0.88 -2.77
C1 GOL K . 17.03 2.64 9.17
O1 GOL K . 16.16 1.80 9.92
C2 GOL K . 18.02 1.79 8.37
O2 GOL K . 18.86 2.63 7.60
C3 GOL K . 18.88 0.95 9.33
O3 GOL K . 18.75 -0.43 8.99
#